data_5MV2
#
_entry.id   5MV2
#
_cell.length_a   130.600
_cell.length_b   55.900
_cell.length_c   90.100
_cell.angle_alpha   90.00
_cell.angle_beta   132.10
_cell.angle_gamma   90.00
#
_symmetry.space_group_name_H-M   'C 1 2 1'
#
loop_
_entity.id
_entity.type
_entity.pdbx_description
1 polymer 'E protein'
2 water water
#
_entity_poly.entity_id   1
_entity_poly.type   'polypeptide(L)'
_entity_poly.pdbx_seq_one_letter_code
;ENLYFQGGIHFNCLGMGNRDFIEGASGATWVDLVLEGDSCLTIMANDKPTLDVRMINIEASQLAEVRSYCYHASVTDIST
VARCPTTGEAHNEKRADSSYVCKQGFTDRGWGNGCGFFGKGSIDTCAKFSCTSKAIGRTIQPENIKYKVGIFVHGTTTSE
NHGNYSAQVGASQAAKFTVTPNAPSVALKLGDYGEVTLDCEPRSGLNTEAFYVMTVGSKSFLVHREWFHDLALPWTSPSS
TAWRNRELLMEFEGAHATKQSVVALGSQEGGLHHALAGAIVVEYSSSVMLTSGHLKCRLKMDKLALKGTTYGMCTEKFSF
AKNPVDTGHGTVVIELSYSGSDGPCKIPIVSVASLNDMTPVGRLVTVNPFVATSSANSKVLVEMEPPFGDSYIVVGRGDK
QINHHWHKAGSTLGKA
;
_entity_poly.pdbx_strand_id   A
#
# COMPACT_ATOMS: atom_id res chain seq x y z
N GLU A 1 -6.54 -11.69 18.00
CA GLU A 1 -6.13 -10.28 18.11
C GLU A 1 -7.27 -9.37 18.57
N ASN A 2 -6.92 -8.26 19.22
CA ASN A 2 -7.96 -7.33 19.71
C ASN A 2 -8.22 -6.26 18.65
N LEU A 3 -9.05 -6.63 17.67
CA LEU A 3 -9.37 -5.71 16.59
C LEU A 3 -10.05 -4.47 17.11
N TYR A 4 -10.80 -4.60 18.23
CA TYR A 4 -11.57 -3.48 18.76
C TYR A 4 -10.68 -2.34 19.20
N PHE A 5 -9.41 -2.62 19.45
CA PHE A 5 -8.43 -1.64 19.88
C PHE A 5 -7.24 -1.58 18.93
N GLN A 6 -7.50 -1.84 17.63
CA GLN A 6 -6.54 -1.63 16.57
C GLN A 6 -7.14 -0.65 15.55
N GLY A 7 -6.27 -0.11 14.70
CA GLY A 7 -6.73 0.77 13.65
C GLY A 7 -7.63 0.07 12.65
N GLY A 8 -8.56 0.82 12.09
CA GLY A 8 -9.43 0.28 11.08
C GLY A 8 -8.70 0.00 9.76
N ILE A 9 -9.39 -0.69 8.86
CA ILE A 9 -8.86 -0.93 7.52
C ILE A 9 -9.99 -0.73 6.53
N HIS A 10 -9.60 -0.46 5.29
CA HIS A 10 -10.53 -0.41 4.17
C HIS A 10 -10.71 -1.82 3.66
N PHE A 11 -11.87 -2.40 3.91
CA PHE A 11 -12.08 -3.79 3.56
C PHE A 11 -13.37 -3.96 2.76
N ASN A 12 -14.17 -2.88 2.57
CA ASN A 12 -15.34 -3.01 1.71
C ASN A 12 -15.57 -1.70 0.95
N CYS A 13 -16.65 -1.65 0.18
CA CYS A 13 -16.65 -0.73 -0.95
C CYS A 13 -17.42 0.57 -0.72
N LEU A 14 -18.49 0.56 0.08
CA LEU A 14 -19.34 1.75 0.16
C LEU A 14 -18.51 2.95 0.63
N GLY A 15 -18.67 4.07 -0.08
CA GLY A 15 -17.94 5.28 0.23
C GLY A 15 -16.60 5.46 -0.47
N MET A 16 -16.04 4.42 -1.07
CA MET A 16 -14.75 4.55 -1.73
C MET A 16 -14.89 5.21 -3.11
N GLY A 17 -13.87 5.99 -3.49
CA GLY A 17 -13.92 6.69 -4.76
C GLY A 17 -13.93 5.75 -5.96
N ASN A 18 -13.03 4.77 -5.95
CA ASN A 18 -12.92 3.75 -7.00
C ASN A 18 -13.68 2.50 -6.57
N ARG A 19 -14.64 2.06 -7.39
CA ARG A 19 -15.40 0.85 -7.12
C ARG A 19 -15.82 0.20 -8.43
N ASP A 20 -15.58 -1.11 -8.59
CA ASP A 20 -16.08 -1.87 -9.72
C ASP A 20 -17.07 -2.94 -9.27
N PHE A 21 -18.11 -3.12 -10.06
CA PHE A 21 -19.10 -4.16 -9.86
C PHE A 21 -18.83 -5.31 -10.83
N ILE A 22 -18.96 -6.52 -10.32
CA ILE A 22 -18.67 -7.74 -11.07
C ILE A 22 -19.92 -8.61 -11.01
N GLU A 23 -20.33 -9.14 -12.13
CA GLU A 23 -21.52 -9.98 -12.15
C GLU A 23 -21.11 -11.41 -12.49
N GLY A 24 -21.27 -12.32 -11.54
CA GLY A 24 -20.88 -13.72 -11.77
C GLY A 24 -21.97 -14.50 -12.48
N ALA A 25 -21.54 -15.35 -13.41
CA ALA A 25 -22.46 -16.16 -14.19
C ALA A 25 -23.40 -16.91 -13.27
N SER A 26 -24.68 -16.94 -13.64
CA SER A 26 -25.66 -17.66 -12.84
C SER A 26 -25.32 -19.15 -12.82
N GLY A 27 -25.23 -19.70 -11.60
CA GLY A 27 -24.75 -21.06 -11.38
C GLY A 27 -23.24 -21.24 -11.36
N ALA A 28 -22.43 -20.31 -11.88
CA ALA A 28 -21.01 -20.55 -12.02
C ALA A 28 -20.37 -20.86 -10.66
N THR A 29 -19.36 -21.72 -10.70
CA THR A 29 -18.67 -22.11 -9.48
C THR A 29 -17.57 -21.12 -9.12
N TRP A 30 -16.99 -20.43 -10.12
CA TRP A 30 -15.89 -19.49 -10.00
C TRP A 30 -16.24 -18.13 -10.59
N VAL A 31 -15.64 -17.07 -10.05
CA VAL A 31 -15.58 -15.78 -10.73
C VAL A 31 -14.12 -15.29 -10.77
N ASP A 32 -13.65 -14.89 -11.95
CA ASP A 32 -12.31 -14.35 -12.13
C ASP A 32 -12.30 -12.88 -11.75
N LEU A 33 -11.25 -12.47 -11.03
CA LEU A 33 -11.08 -11.15 -10.44
C LEU A 33 -9.64 -10.68 -10.63
N VAL A 34 -9.46 -9.38 -10.78
CA VAL A 34 -8.17 -8.74 -10.55
C VAL A 34 -8.37 -7.70 -9.47
N LEU A 35 -7.72 -7.90 -8.34
CA LEU A 35 -7.72 -6.96 -7.23
C LEU A 35 -6.69 -5.88 -7.54
N GLU A 36 -7.13 -4.65 -7.70
CA GLU A 36 -6.22 -3.53 -7.90
C GLU A 36 -6.13 -2.75 -6.60
N GLY A 37 -4.93 -2.30 -6.27
CA GLY A 37 -4.68 -1.88 -4.91
C GLY A 37 -5.43 -0.63 -4.48
N ASP A 38 -5.77 0.25 -5.41
CA ASP A 38 -6.47 1.46 -5.01
C ASP A 38 -7.98 1.35 -5.20
N SER A 39 -8.53 0.14 -5.25
CA SER A 39 -9.89 0.02 -5.73
C SER A 39 -10.57 -1.09 -4.92
N CYS A 40 -11.80 -1.42 -5.32
CA CYS A 40 -12.64 -2.31 -4.53
C CYS A 40 -13.65 -2.95 -5.47
N LEU A 41 -13.92 -4.25 -5.29
CA LEU A 41 -14.84 -4.98 -6.15
C LEU A 41 -16.10 -5.34 -5.37
N THR A 42 -17.25 -5.12 -5.96
CA THR A 42 -18.47 -5.75 -5.45
C THR A 42 -18.88 -6.88 -6.39
N ILE A 43 -19.01 -8.10 -5.85
CA ILE A 43 -19.39 -9.27 -6.65
C ILE A 43 -20.83 -9.65 -6.32
N MET A 44 -21.67 -9.69 -7.36
CA MET A 44 -23.07 -10.09 -7.28
C MET A 44 -23.33 -11.30 -8.16
N ALA A 45 -24.04 -12.28 -7.61
CA ALA A 45 -24.34 -13.52 -8.29
C ALA A 45 -25.72 -13.98 -7.85
N ASN A 46 -26.47 -14.56 -8.79
CA ASN A 46 -27.82 -15.04 -8.51
C ASN A 46 -27.78 -16.18 -7.51
N ASP A 47 -28.63 -16.11 -6.50
CA ASP A 47 -28.70 -17.09 -5.43
C ASP A 47 -27.45 -17.07 -4.58
N LYS A 48 -26.71 -15.96 -4.59
CA LYS A 48 -25.56 -15.81 -3.73
C LYS A 48 -25.64 -14.47 -3.00
N PRO A 49 -25.19 -14.41 -1.74
CA PRO A 49 -25.03 -13.12 -1.10
C PRO A 49 -23.97 -12.30 -1.84
N THR A 50 -24.14 -10.98 -1.81
CA THR A 50 -23.18 -10.09 -2.44
C THR A 50 -21.89 -9.97 -1.63
N LEU A 51 -20.75 -9.86 -2.31
CA LEU A 51 -19.46 -9.77 -1.65
C LEU A 51 -18.74 -8.51 -2.08
N ASP A 52 -18.01 -7.92 -1.15
CA ASP A 52 -16.92 -7.01 -1.47
C ASP A 52 -15.60 -7.72 -1.27
N VAL A 53 -14.68 -7.58 -2.23
CA VAL A 53 -13.32 -8.07 -2.08
C VAL A 53 -12.38 -6.94 -2.43
N ARG A 54 -11.36 -6.71 -1.59
CA ARG A 54 -10.39 -5.70 -1.98
C ARG A 54 -9.00 -6.02 -1.41
N MET A 55 -7.98 -5.67 -2.17
CA MET A 55 -6.63 -5.80 -1.66
C MET A 55 -6.35 -4.72 -0.63
N ILE A 56 -5.79 -5.14 0.49
CA ILE A 56 -5.51 -4.17 1.54
C ILE A 56 -4.10 -3.57 1.38
N ASN A 57 -3.11 -4.43 1.23
CA ASN A 57 -1.79 -3.98 0.80
C ASN A 57 -0.98 -5.21 0.47
N ILE A 58 0.25 -4.94 0.06
CA ILE A 58 1.25 -5.95 -0.27
C ILE A 58 2.43 -5.74 0.67
N GLU A 59 2.87 -6.81 1.33
CA GLU A 59 4.04 -6.70 2.22
C GLU A 59 5.18 -7.56 1.74
N ALA A 60 6.36 -7.01 1.85
CA ALA A 60 7.59 -7.74 1.63
C ALA A 60 8.39 -7.70 2.91
N SER A 61 9.07 -8.82 3.20
CA SER A 61 9.87 -8.96 4.41
C SER A 61 11.23 -9.52 4.03
N GLN A 62 12.16 -9.46 4.99
CA GLN A 62 13.49 -10.05 4.86
C GLN A 62 14.23 -9.59 3.60
N LEU A 63 14.11 -8.30 3.29
CA LEU A 63 14.81 -7.77 2.12
C LEU A 63 16.32 -7.80 2.37
N ALA A 64 17.07 -8.10 1.32
CA ALA A 64 18.52 -8.25 1.39
C ALA A 64 19.23 -7.01 0.84
N GLU A 65 20.17 -6.47 1.62
CA GLU A 65 21.00 -5.37 1.11
C GLU A 65 21.80 -5.78 -0.12
N VAL A 66 21.79 -4.94 -1.16
CA VAL A 66 22.71 -5.14 -2.27
C VAL A 66 23.88 -4.15 -2.24
N ARG A 67 23.64 -2.89 -1.93
CA ARG A 67 24.73 -1.92 -1.87
C ARG A 67 24.26 -0.77 -0.99
N SER A 68 25.19 -0.11 -0.30
CA SER A 68 24.88 1.11 0.44
C SER A 68 25.68 2.24 -0.18
N TYR A 69 25.07 3.43 -0.27
CA TYR A 69 25.71 4.62 -0.82
C TYR A 69 25.72 5.72 0.22
N CYS A 70 26.92 6.20 0.55
CA CYS A 70 27.05 7.39 1.38
C CYS A 70 26.51 8.60 0.63
N TYR A 71 25.61 9.38 1.24
CA TYR A 71 25.26 10.67 0.65
C TYR A 71 25.70 11.87 1.49
N HIS A 72 26.30 11.64 2.65
CA HIS A 72 26.78 12.77 3.41
C HIS A 72 28.03 12.31 4.15
N ALA A 73 29.16 12.94 3.85
CA ALA A 73 30.42 12.51 4.45
C ALA A 73 30.98 13.63 5.30
N SER A 74 31.74 13.23 6.31
CA SER A 74 32.57 14.12 7.11
C SER A 74 34.04 13.86 6.77
N VAL A 75 34.79 14.95 6.71
CA VAL A 75 36.17 14.98 6.24
C VAL A 75 36.94 15.72 7.32
N THR A 76 37.87 15.03 7.98
CA THR A 76 38.56 15.58 9.14
C THR A 76 40.06 15.24 9.06
N ASP A 77 40.81 15.85 9.98
CA ASP A 77 42.24 15.57 10.21
C ASP A 77 43.04 15.62 8.90
N ILE A 78 43.04 16.80 8.28
CA ILE A 78 43.78 17.00 7.05
C ILE A 78 45.27 17.20 7.37
N SER A 79 46.16 16.60 6.58
CA SER A 79 47.59 16.91 6.62
C SER A 79 48.21 16.81 5.24
N THR A 80 49.30 17.57 5.07
CA THR A 80 50.07 17.56 3.83
C THR A 80 51.55 17.38 4.17
N VAL A 81 52.16 16.42 3.53
CA VAL A 81 53.61 16.25 3.48
C VAL A 81 54.08 16.82 2.16
N ALA A 82 55.19 17.57 2.19
CA ALA A 82 55.69 18.19 0.97
C ALA A 82 57.18 17.96 0.82
N ARG A 83 57.64 17.97 -0.42
CA ARG A 83 59.05 17.78 -0.71
C ARG A 83 59.53 18.81 -1.73
N CYS A 84 60.85 19.00 -1.75
CA CYS A 84 61.51 19.94 -2.64
C CYS A 84 61.64 19.36 -4.04
N PRO A 85 61.68 20.21 -5.06
CA PRO A 85 61.99 19.71 -6.41
C PRO A 85 63.31 18.95 -6.37
N THR A 86 63.44 17.99 -7.27
CA THR A 86 64.47 16.94 -7.38
C THR A 86 64.47 15.86 -6.28
N THR A 87 63.69 15.99 -5.19
CA THR A 87 63.80 14.97 -4.14
C THR A 87 62.76 13.84 -4.23
N GLY A 88 62.04 13.71 -5.36
CA GLY A 88 61.12 12.60 -5.52
C GLY A 88 59.76 12.80 -4.85
N GLU A 89 58.95 11.74 -4.87
CA GLU A 89 57.56 11.87 -4.46
C GLU A 89 57.42 11.93 -2.94
N ALA A 90 56.55 12.83 -2.49
CA ALA A 90 56.10 12.83 -1.11
C ALA A 90 55.17 11.67 -0.83
N HIS A 91 55.26 11.13 0.38
CA HIS A 91 54.40 10.02 0.79
C HIS A 91 53.90 10.33 2.20
N ASN A 92 52.60 10.61 2.32
CA ASN A 92 52.00 10.91 3.61
C ASN A 92 51.78 9.58 4.35
N GLU A 93 52.21 9.51 5.61
CA GLU A 93 52.12 8.25 6.38
C GLU A 93 50.68 7.77 6.56
N LYS A 94 49.69 8.64 6.43
CA LYS A 94 48.30 8.17 6.53
C LYS A 94 47.90 7.31 5.36
N ARG A 95 48.78 7.11 4.38
CA ARG A 95 48.46 6.10 3.38
C ARG A 95 48.34 4.70 4.00
N ALA A 96 48.88 4.49 5.21
CA ALA A 96 48.80 3.20 5.86
C ALA A 96 47.51 3.02 6.67
N ASP A 97 46.64 4.03 6.71
CA ASP A 97 45.41 4.01 7.51
C ASP A 97 44.23 4.00 6.54
N SER A 98 43.50 2.89 6.51
CA SER A 98 42.46 2.65 5.52
C SER A 98 41.29 3.63 5.61
N SER A 99 41.20 4.39 6.69
CA SER A 99 40.17 5.41 6.96
C SER A 99 40.47 6.73 6.30
N TYR A 100 41.64 6.88 5.66
CA TYR A 100 42.10 8.14 5.10
C TYR A 100 42.11 8.08 3.58
N VAL A 101 41.80 9.21 2.98
CA VAL A 101 41.84 9.41 1.55
C VAL A 101 43.01 10.35 1.26
N CYS A 102 43.92 9.92 0.39
CA CYS A 102 45.15 10.67 0.11
C CYS A 102 45.26 10.99 -1.36
N LYS A 103 45.82 12.14 -1.68
CA LYS A 103 46.03 12.53 -3.08
C LYS A 103 47.36 13.25 -3.25
N GLN A 104 48.14 12.84 -4.25
CA GLN A 104 49.39 13.52 -4.56
C GLN A 104 49.12 14.79 -5.38
N GLY A 105 50.08 15.71 -5.34
CA GLY A 105 50.02 16.91 -6.15
C GLY A 105 51.41 17.56 -6.25
N PHE A 106 51.43 18.82 -6.67
CA PHE A 106 52.67 19.58 -6.85
C PHE A 106 52.38 21.01 -6.48
N THR A 107 53.40 21.71 -5.97
CA THR A 107 53.33 23.14 -5.70
C THR A 107 54.62 23.81 -6.15
N ASP A 108 54.55 25.12 -6.38
CA ASP A 108 55.74 25.84 -6.78
C ASP A 108 56.69 25.96 -5.59
N ARG A 109 57.94 25.58 -5.76
CA ARG A 109 58.91 25.78 -4.68
C ARG A 109 60.15 26.53 -5.19
N GLY A 110 60.88 27.09 -4.23
CA GLY A 110 62.11 27.78 -4.52
C GLY A 110 62.74 28.27 -3.24
N TRP A 111 63.82 29.05 -3.39
CA TRP A 111 64.48 29.65 -2.24
C TRP A 111 63.48 30.29 -1.29
N GLY A 112 62.48 30.97 -1.82
CA GLY A 112 61.56 31.69 -0.97
C GLY A 112 60.74 30.82 -0.03
N ASN A 113 60.47 29.57 -0.38
CA ASN A 113 59.70 28.73 0.54
C ASN A 113 60.45 27.45 0.94
N GLY A 114 61.77 27.55 1.12
CA GLY A 114 62.58 26.51 1.74
C GLY A 114 63.24 25.45 0.86
N CYS A 115 63.32 25.64 -0.45
CA CYS A 115 63.96 24.64 -1.31
C CYS A 115 65.18 25.24 -2.00
N GLY A 116 66.28 24.48 -2.05
CA GLY A 116 67.49 24.91 -2.75
C GLY A 116 67.30 25.03 -4.25
N PHE A 117 66.34 24.32 -4.84
CA PHE A 117 66.08 24.31 -6.26
C PHE A 117 64.70 24.89 -6.52
N PHE A 118 64.54 25.44 -7.72
CA PHE A 118 63.30 26.08 -8.14
C PHE A 118 62.51 25.11 -9.01
N GLY A 119 61.25 24.91 -8.67
CA GLY A 119 60.42 24.11 -9.54
C GLY A 119 59.24 23.53 -8.76
N LYS A 120 58.76 22.39 -9.24
CA LYS A 120 57.56 21.75 -8.72
C LYS A 120 57.96 20.77 -7.63
N GLY A 121 57.49 21.03 -6.41
CA GLY A 121 57.73 20.11 -5.30
C GLY A 121 56.52 19.21 -5.14
N SER A 122 56.77 17.90 -4.94
CA SER A 122 55.68 16.97 -4.68
C SER A 122 55.04 17.21 -3.31
N ILE A 123 53.70 17.05 -3.25
CA ILE A 123 52.97 17.05 -1.99
C ILE A 123 52.04 15.84 -1.96
N ASP A 124 51.70 15.37 -0.75
CA ASP A 124 50.76 14.26 -0.54
C ASP A 124 49.83 14.63 0.60
N THR A 125 48.53 14.67 0.33
CA THR A 125 47.55 15.23 1.25
C THR A 125 46.50 14.17 1.56
N CYS A 126 46.24 13.94 2.84
CA CYS A 126 45.33 12.91 3.32
C CYS A 126 44.31 13.54 4.22
N ALA A 127 43.17 12.85 4.35
CA ALA A 127 42.13 13.32 5.23
C ALA A 127 41.23 12.13 5.58
N LYS A 128 40.78 12.09 6.83
CA LYS A 128 39.92 11.02 7.32
C LYS A 128 38.51 11.18 6.78
N PHE A 129 38.02 10.15 6.12
CA PHE A 129 36.67 10.09 5.58
C PHE A 129 35.81 9.24 6.51
N SER A 130 34.66 9.77 6.93
CA SER A 130 33.65 8.91 7.51
C SER A 130 32.30 9.23 6.87
N CYS A 131 31.48 8.19 6.75
CA CYS A 131 30.12 8.33 6.22
C CYS A 131 29.21 8.73 7.38
N THR A 132 28.59 9.89 7.26
CA THR A 132 27.62 10.38 8.23
C THR A 132 26.23 9.78 7.96
N SER A 133 25.82 9.70 6.68
CA SER A 133 24.49 9.23 6.31
C SER A 133 24.56 8.47 5.00
N LYS A 134 23.94 7.28 4.96
CA LYS A 134 23.96 6.42 3.77
C LYS A 134 22.54 6.01 3.38
N ALA A 135 22.35 5.84 2.07
CA ALA A 135 21.16 5.24 1.49
C ALA A 135 21.44 3.76 1.24
N ILE A 136 20.40 2.94 1.32
CA ILE A 136 20.58 1.49 1.22
C ILE A 136 19.65 0.97 0.14
N GLY A 137 20.18 0.13 -0.75
CA GLY A 137 19.39 -0.52 -1.79
C GLY A 137 19.24 -2.01 -1.52
N ARG A 138 18.01 -2.52 -1.69
CA ARG A 138 17.68 -3.89 -1.31
C ARG A 138 16.85 -4.60 -2.37
N THR A 139 16.89 -5.92 -2.32
CA THR A 139 16.10 -6.78 -3.19
C THR A 139 15.03 -7.48 -2.38
N ILE A 140 13.92 -7.77 -3.05
CA ILE A 140 12.86 -8.60 -2.54
C ILE A 140 12.95 -9.95 -3.25
N GLN A 141 12.83 -11.05 -2.47
CA GLN A 141 12.59 -12.36 -3.10
C GLN A 141 11.10 -12.66 -3.09
N PRO A 142 10.58 -13.20 -4.19
CA PRO A 142 9.12 -13.43 -4.27
C PRO A 142 8.54 -14.25 -3.12
N GLU A 143 9.27 -15.24 -2.59
CA GLU A 143 8.74 -16.05 -1.49
C GLU A 143 8.43 -15.22 -0.27
N ASN A 144 9.09 -14.07 -0.12
CA ASN A 144 8.87 -13.21 1.04
C ASN A 144 7.80 -12.13 0.83
N ILE A 145 6.87 -12.32 -0.12
CA ILE A 145 5.80 -11.37 -0.39
C ILE A 145 4.49 -11.93 0.15
N LYS A 146 3.67 -11.05 0.72
CA LYS A 146 2.35 -11.41 1.24
C LYS A 146 1.33 -10.42 0.69
N TYR A 147 0.21 -10.93 0.18
CA TYR A 147 -0.92 -10.11 -0.21
C TYR A 147 -1.99 -10.23 0.87
N LYS A 148 -2.38 -9.10 1.43
CA LYS A 148 -3.45 -9.05 2.40
C LYS A 148 -4.69 -8.59 1.66
N VAL A 149 -5.72 -9.42 1.73
CA VAL A 149 -6.95 -9.22 0.97
C VAL A 149 -8.11 -9.26 1.95
N GLY A 150 -8.98 -8.27 1.86
CA GLY A 150 -10.17 -8.22 2.69
C GLY A 150 -11.38 -8.70 1.92
N ILE A 151 -12.32 -9.29 2.64
CA ILE A 151 -13.57 -9.72 2.04
C ILE A 151 -14.73 -9.37 2.96
N PHE A 152 -15.85 -9.04 2.36
CA PHE A 152 -17.00 -8.62 3.12
C PHE A 152 -18.24 -9.24 2.50
N VAL A 153 -19.10 -9.82 3.30
CA VAL A 153 -20.37 -10.28 2.74
C VAL A 153 -21.45 -9.31 3.15
N HIS A 154 -22.27 -8.92 2.19
CA HIS A 154 -23.34 -7.98 2.46
C HIS A 154 -24.45 -8.60 3.29
N GLY A 155 -24.17 -8.78 4.57
CA GLY A 155 -25.18 -9.22 5.51
C GLY A 155 -25.86 -8.00 6.10
N THR A 156 -26.22 -8.08 7.37
CA THR A 156 -26.93 -6.98 8.00
C THR A 156 -25.91 -6.00 8.55
N THR A 157 -26.04 -4.72 8.18
CA THR A 157 -25.16 -3.67 8.70
C THR A 157 -26.00 -2.42 8.99
N THR A 158 -25.35 -1.40 9.54
CA THR A 158 -25.96 -0.11 9.79
C THR A 158 -25.07 0.94 9.15
N SER A 159 -25.61 2.17 8.96
CA SER A 159 -24.76 3.25 8.44
C SER A 159 -23.54 3.46 9.32
N GLU A 160 -23.66 3.13 10.62
CA GLU A 160 -22.58 3.38 11.58
C GLU A 160 -21.49 2.31 11.51
N ASN A 161 -21.85 1.04 11.37
CA ASN A 161 -20.84 -0.01 11.47
C ASN A 161 -20.41 -0.60 10.10
N HIS A 162 -20.98 -0.14 8.97
CA HIS A 162 -20.81 -0.83 7.70
C HIS A 162 -19.32 -0.91 7.33
N GLY A 163 -18.63 0.19 7.44
CA GLY A 163 -17.22 0.25 7.17
C GLY A 163 -16.33 -0.02 8.37
N ASN A 164 -16.86 -0.52 9.47
CA ASN A 164 -15.98 -0.77 10.61
C ASN A 164 -15.56 -2.24 10.66
N TYR A 165 -14.25 -2.48 10.49
CA TYR A 165 -13.76 -3.84 10.36
C TYR A 165 -14.01 -4.67 11.61
N SER A 166 -13.70 -4.13 12.79
CA SER A 166 -13.92 -4.92 14.00
C SER A 166 -15.40 -5.25 14.20
N ALA A 167 -16.31 -4.35 13.83
CA ALA A 167 -17.75 -4.65 13.91
C ALA A 167 -18.16 -5.75 12.92
N GLN A 168 -17.70 -5.70 11.67
CA GLN A 168 -18.09 -6.71 10.69
C GLN A 168 -17.46 -8.08 10.96
N VAL A 169 -16.20 -8.12 11.40
CA VAL A 169 -15.66 -9.40 11.90
C VAL A 169 -16.51 -9.89 13.06
N GLY A 170 -16.87 -9.00 13.98
CA GLY A 170 -17.76 -9.37 15.07
C GLY A 170 -19.04 -10.05 14.61
N ALA A 171 -19.62 -9.56 13.53
CA ALA A 171 -20.85 -10.10 12.95
C ALA A 171 -20.62 -11.32 12.08
N SER A 172 -19.37 -11.82 11.99
CA SER A 172 -19.01 -12.91 11.07
C SER A 172 -19.33 -12.55 9.61
N GLN A 173 -19.02 -11.32 9.24
CA GLN A 173 -19.42 -10.81 7.95
C GLN A 173 -18.24 -10.21 7.20
N ALA A 174 -17.03 -10.32 7.75
CA ALA A 174 -15.84 -9.82 7.10
C ALA A 174 -14.66 -10.66 7.55
N ALA A 175 -13.59 -10.61 6.77
CA ALA A 175 -12.38 -11.33 7.11
C ALA A 175 -11.24 -10.80 6.25
N LYS A 176 -10.03 -11.11 6.68
CA LYS A 176 -8.80 -10.67 6.05
C LYS A 176 -7.87 -11.87 6.03
N PHE A 177 -7.32 -12.16 4.86
CA PHE A 177 -6.48 -13.34 4.70
C PHE A 177 -5.28 -13.00 3.84
N THR A 178 -4.33 -13.92 3.85
CA THR A 178 -3.00 -13.69 3.29
C THR A 178 -2.76 -14.72 2.21
N VAL A 179 -2.49 -14.26 0.99
CA VAL A 179 -1.99 -15.14 -0.08
C VAL A 179 -0.51 -14.81 -0.35
N THR A 180 0.25 -15.87 -0.63
CA THR A 180 1.69 -15.80 -0.87
C THR A 180 2.03 -16.68 -2.06
N PRO A 181 3.21 -16.47 -2.67
CA PRO A 181 3.62 -17.38 -3.78
C PRO A 181 3.63 -18.85 -3.41
N ASN A 182 4.05 -19.18 -2.19
CA ASN A 182 4.08 -20.57 -1.74
C ASN A 182 2.73 -21.08 -1.28
N ALA A 183 1.78 -20.19 -0.99
CA ALA A 183 0.46 -20.60 -0.52
C ALA A 183 -0.59 -19.68 -1.13
N PRO A 184 -0.84 -19.85 -2.43
CA PRO A 184 -1.59 -18.84 -3.21
C PRO A 184 -3.09 -19.05 -3.26
N SER A 185 -3.58 -20.11 -2.63
CA SER A 185 -5.02 -20.37 -2.56
C SER A 185 -5.40 -20.49 -1.10
N VAL A 186 -6.50 -19.83 -0.73
CA VAL A 186 -6.95 -19.82 0.65
C VAL A 186 -8.47 -19.97 0.68
N ALA A 187 -8.94 -20.79 1.62
CA ALA A 187 -10.36 -20.96 1.92
C ALA A 187 -10.67 -20.30 3.27
N LEU A 188 -11.75 -19.55 3.33
CA LEU A 188 -12.22 -19.06 4.62
C LEU A 188 -13.72 -19.19 4.72
N LYS A 189 -14.16 -19.45 5.94
CA LYS A 189 -15.57 -19.48 6.27
C LYS A 189 -16.05 -18.06 6.56
N LEU A 190 -17.29 -17.79 6.19
CA LEU A 190 -17.93 -16.50 6.42
C LEU A 190 -19.21 -16.74 7.19
N GLY A 191 -19.06 -17.04 8.48
CA GLY A 191 -20.20 -17.27 9.35
C GLY A 191 -21.22 -18.18 8.74
N ASP A 192 -22.47 -17.73 8.75
CA ASP A 192 -23.60 -18.50 8.26
C ASP A 192 -23.68 -18.55 6.74
N TYR A 193 -22.62 -18.15 6.03
CA TYR A 193 -22.73 -18.06 4.59
C TYR A 193 -21.89 -19.11 3.90
N GLY A 194 -21.35 -20.06 4.65
CA GLY A 194 -20.52 -21.07 4.06
C GLY A 194 -19.10 -20.57 3.99
N GLU A 195 -18.42 -20.88 2.90
CA GLU A 195 -17.04 -20.50 2.72
C GLU A 195 -16.80 -20.13 1.26
N VAL A 196 -15.72 -19.42 1.03
CA VAL A 196 -15.26 -19.19 -0.31
C VAL A 196 -13.79 -19.57 -0.35
N THR A 197 -13.28 -19.74 -1.55
CA THR A 197 -11.87 -19.96 -1.76
C THR A 197 -11.34 -18.90 -2.69
N LEU A 198 -10.23 -18.28 -2.31
CA LEU A 198 -9.52 -17.40 -3.21
C LEU A 198 -8.32 -18.17 -3.74
N ASP A 199 -8.30 -18.39 -5.04
CA ASP A 199 -7.31 -19.18 -5.74
C ASP A 199 -6.61 -18.19 -6.66
N CYS A 200 -5.40 -17.78 -6.29
CA CYS A 200 -4.73 -16.63 -6.90
C CYS A 200 -3.47 -17.07 -7.63
N GLU A 201 -2.91 -16.18 -8.45
CA GLU A 201 -1.62 -16.39 -9.09
C GLU A 201 -0.70 -15.22 -8.77
N PRO A 202 -0.21 -15.14 -7.53
CA PRO A 202 0.63 -13.98 -7.14
C PRO A 202 1.86 -13.78 -8.01
N ARG A 203 2.48 -14.87 -8.48
CA ARG A 203 3.74 -14.69 -9.18
C ARG A 203 3.53 -13.88 -10.45
N SER A 204 2.34 -13.92 -11.02
CA SER A 204 2.15 -13.25 -12.29
C SER A 204 2.19 -11.74 -12.14
N GLY A 205 1.88 -11.22 -10.95
CA GLY A 205 1.93 -9.79 -10.72
C GLY A 205 3.22 -9.33 -10.06
N LEU A 206 4.28 -10.12 -10.12
CA LEU A 206 5.54 -9.80 -9.44
C LEU A 206 6.65 -9.59 -10.48
N ASN A 207 7.52 -8.60 -10.24
CA ASN A 207 8.67 -8.32 -11.12
C ASN A 207 9.90 -8.01 -10.26
N THR A 208 10.28 -8.95 -9.39
CA THR A 208 11.22 -8.56 -8.36
C THR A 208 12.65 -8.43 -8.90
N GLU A 209 12.91 -8.91 -10.11
CA GLU A 209 14.23 -8.70 -10.67
C GLU A 209 14.33 -7.39 -11.43
N ALA A 210 13.26 -6.57 -11.46
CA ALA A 210 13.24 -5.29 -12.19
C ALA A 210 13.67 -4.08 -11.36
N PHE A 211 13.76 -4.19 -10.03
CA PHE A 211 13.95 -2.98 -9.26
C PHE A 211 14.72 -3.32 -7.99
N TYR A 212 15.13 -2.27 -7.30
CA TYR A 212 15.62 -2.35 -5.93
C TYR A 212 14.68 -1.54 -5.05
N VAL A 213 14.61 -1.88 -3.75
CA VAL A 213 14.02 -0.96 -2.76
C VAL A 213 15.18 -0.13 -2.23
N MET A 214 15.09 1.19 -2.39
CA MET A 214 16.12 2.14 -1.96
C MET A 214 15.57 3.04 -0.86
N THR A 215 16.22 3.02 0.29
CA THR A 215 15.86 3.93 1.37
C THR A 215 16.80 5.15 1.33
N VAL A 216 16.22 6.35 1.33
CA VAL A 216 16.94 7.62 1.38
C VAL A 216 16.38 8.48 2.51
N GLY A 217 17.14 8.58 3.60
CA GLY A 217 16.63 9.34 4.73
C GLY A 217 15.33 8.71 5.24
N SER A 218 14.26 9.47 5.26
CA SER A 218 12.97 9.04 5.79
C SER A 218 12.07 8.38 4.76
N LYS A 219 12.46 8.39 3.48
CA LYS A 219 11.63 7.81 2.43
C LYS A 219 12.29 6.58 1.82
N SER A 220 11.46 5.64 1.38
CA SER A 220 11.90 4.53 0.57
C SER A 220 11.17 4.53 -0.76
N PHE A 221 11.85 4.00 -1.76
CA PHE A 221 11.39 4.05 -3.13
C PHE A 221 11.70 2.74 -3.80
N LEU A 222 10.96 2.48 -4.87
CA LEU A 222 11.30 1.42 -5.81
C LEU A 222 12.03 2.09 -6.94
N VAL A 223 13.26 1.63 -7.23
CA VAL A 223 14.09 2.29 -8.23
C VAL A 223 14.55 1.30 -9.29
N HIS A 224 14.73 1.83 -10.50
CA HIS A 224 15.34 1.09 -11.60
C HIS A 224 16.76 0.64 -11.20
N ARG A 225 17.09 -0.61 -11.49
CA ARG A 225 18.33 -1.19 -10.95
C ARG A 225 19.58 -0.53 -11.53
N GLU A 226 19.62 -0.34 -12.85
CA GLU A 226 20.84 0.23 -13.44
C GLU A 226 21.02 1.67 -13.04
N TRP A 227 19.93 2.38 -12.81
CA TRP A 227 20.08 3.72 -12.26
C TRP A 227 20.80 3.61 -10.91
N PHE A 228 20.42 2.63 -10.11
CA PHE A 228 21.05 2.46 -8.79
C PHE A 228 22.53 2.08 -8.93
N HIS A 229 22.89 1.31 -9.95
CA HIS A 229 24.29 0.86 -10.05
C HIS A 229 25.23 2.00 -10.40
N ASP A 230 24.74 3.04 -11.08
CA ASP A 230 25.59 4.11 -11.59
C ASP A 230 25.55 5.41 -10.78
N LEU A 231 24.85 5.45 -9.66
CA LEU A 231 24.97 6.58 -8.73
C LEU A 231 26.42 6.96 -8.48
N ALA A 232 26.75 8.23 -8.65
CA ALA A 232 28.10 8.70 -8.37
C ALA A 232 28.23 9.05 -6.89
N LEU A 233 28.32 8.01 -6.05
CA LEU A 233 28.50 8.18 -4.62
C LEU A 233 29.42 7.09 -4.07
N PRO A 234 30.11 7.34 -2.95
CA PRO A 234 30.88 6.25 -2.33
C PRO A 234 29.96 5.10 -1.96
N TRP A 235 30.49 3.89 -1.98
CA TRP A 235 29.60 2.76 -1.72
C TRP A 235 30.31 1.66 -0.98
N THR A 236 29.48 0.83 -0.37
CA THR A 236 29.88 -0.45 0.20
C THR A 236 28.83 -1.46 -0.20
N SER A 237 29.18 -2.74 -0.06
CA SER A 237 28.26 -3.84 -0.25
C SER A 237 28.55 -4.87 0.83
N PRO A 238 27.63 -5.80 1.09
CA PRO A 238 27.95 -6.89 2.02
C PRO A 238 29.28 -7.57 1.75
N SER A 239 29.63 -7.78 0.48
CA SER A 239 30.88 -8.44 0.10
C SER A 239 32.04 -7.46 -0.05
N SER A 240 31.85 -6.20 0.36
CA SER A 240 32.88 -5.18 0.29
C SER A 240 32.61 -4.08 1.30
N THR A 241 33.03 -4.29 2.55
CA THR A 241 32.63 -3.52 3.73
C THR A 241 33.27 -2.12 3.82
N ALA A 242 34.37 -1.87 3.11
CA ALA A 242 35.01 -0.56 3.15
C ALA A 242 34.48 0.34 2.03
N TRP A 243 34.39 1.64 2.35
CA TRP A 243 33.87 2.61 1.40
C TRP A 243 34.79 2.74 0.20
N ARG A 244 34.25 2.56 -0.99
CA ARG A 244 35.04 2.83 -2.18
C ARG A 244 34.52 4.09 -2.90
N ASN A 245 35.40 4.71 -3.71
CA ASN A 245 35.13 5.99 -4.36
C ASN A 245 34.77 7.10 -3.38
N ARG A 246 35.46 7.13 -2.24
CA ARG A 246 35.20 8.13 -1.20
C ARG A 246 35.50 9.54 -1.68
N GLU A 247 36.35 9.69 -2.71
CA GLU A 247 36.70 11.00 -3.26
C GLU A 247 35.49 11.71 -3.83
N LEU A 248 34.45 10.96 -4.20
CA LEU A 248 33.27 11.60 -4.76
C LEU A 248 32.63 12.60 -3.81
N LEU A 249 32.82 12.44 -2.49
CA LEU A 249 32.23 13.39 -1.53
C LEU A 249 33.27 14.34 -0.97
N MET A 250 34.41 14.49 -1.64
CA MET A 250 35.52 15.28 -1.14
C MET A 250 36.01 16.25 -2.21
N GLU A 251 36.46 17.41 -1.76
CA GLU A 251 37.07 18.40 -2.65
C GLU A 251 38.45 18.72 -2.10
N PHE A 252 39.49 18.27 -2.80
CA PHE A 252 40.87 18.66 -2.52
C PHE A 252 41.11 20.01 -3.19
N GLU A 253 41.22 21.06 -2.39
CA GLU A 253 41.31 22.40 -2.95
C GLU A 253 42.74 22.72 -3.38
N GLY A 254 42.91 23.90 -3.96
CA GLY A 254 44.19 24.37 -4.44
C GLY A 254 45.26 24.42 -3.36
N ALA A 255 46.40 23.82 -3.64
CA ALA A 255 47.48 23.77 -2.67
C ALA A 255 48.41 24.95 -2.88
N HIS A 256 48.95 25.45 -1.78
CA HIS A 256 50.02 26.45 -1.82
C HIS A 256 51.21 25.89 -1.07
N ALA A 257 52.40 26.02 -1.66
CA ALA A 257 53.69 25.58 -1.12
C ALA A 257 53.63 24.22 -0.38
N THR A 258 53.32 24.21 0.92
CA THR A 258 53.29 22.97 1.71
C THR A 258 51.93 22.67 2.35
N LYS A 259 50.86 23.36 1.96
CA LYS A 259 49.57 23.17 2.62
C LYS A 259 48.48 22.99 1.57
N GLN A 260 47.43 22.25 1.97
CA GLN A 260 46.29 22.04 1.08
C GLN A 260 45.06 21.70 1.90
N SER A 261 43.98 22.42 1.69
CA SER A 261 42.75 22.13 2.42
C SER A 261 41.90 21.13 1.68
N VAL A 262 41.18 20.31 2.45
CA VAL A 262 40.25 19.30 1.96
C VAL A 262 38.94 19.51 2.69
N VAL A 263 37.83 19.60 1.95
CA VAL A 263 36.52 19.80 2.55
C VAL A 263 35.59 18.70 2.06
N ALA A 264 34.52 18.50 2.81
CA ALA A 264 33.49 17.55 2.41
C ALA A 264 32.43 18.29 1.61
N LEU A 265 31.84 17.62 0.61
CA LEU A 265 30.63 18.18 0.01
C LEU A 265 29.55 18.21 1.08
N GLY A 266 28.53 19.04 0.88
CA GLY A 266 27.35 18.94 1.72
C GLY A 266 26.59 17.66 1.40
N SER A 267 25.50 17.43 2.15
CA SER A 267 24.67 16.25 1.95
C SER A 267 24.13 16.18 0.52
N GLN A 268 24.09 14.98 -0.04
CA GLN A 268 23.55 14.74 -1.36
C GLN A 268 22.11 14.20 -1.31
N GLU A 269 21.51 14.18 -0.11
CA GLU A 269 20.15 13.63 0.08
C GLU A 269 19.15 14.36 -0.79
N GLY A 270 19.16 15.71 -0.74
CA GLY A 270 18.18 16.48 -1.51
C GLY A 270 18.30 16.26 -3.01
N GLY A 271 19.53 16.22 -3.53
CA GLY A 271 19.74 15.79 -4.92
C GLY A 271 19.14 14.41 -5.21
N LEU A 272 19.29 13.47 -4.26
CA LEU A 272 18.73 12.13 -4.47
C LEU A 272 17.20 12.17 -4.52
N HIS A 273 16.57 12.89 -3.58
CA HIS A 273 15.11 13.02 -3.59
C HIS A 273 14.63 13.67 -4.89
N HIS A 274 15.34 14.69 -5.35
CA HIS A 274 15.04 15.29 -6.63
C HIS A 274 15.03 14.25 -7.74
N ALA A 275 16.11 13.46 -7.85
CA ALA A 275 16.19 12.47 -8.93
C ALA A 275 15.07 11.43 -8.83
N LEU A 276 14.57 11.17 -7.63
CA LEU A 276 13.52 10.19 -7.37
C LEU A 276 12.14 10.78 -7.38
N ALA A 277 11.98 12.00 -7.91
CA ALA A 277 10.72 12.72 -7.81
C ALA A 277 9.55 11.90 -8.37
N GLY A 278 9.76 11.18 -9.47
CA GLY A 278 8.66 10.40 -10.00
C GLY A 278 8.67 8.92 -9.66
N ALA A 279 9.48 8.49 -8.68
CA ALA A 279 9.60 7.07 -8.38
C ALA A 279 8.50 6.62 -7.42
N ILE A 280 8.12 5.33 -7.53
CA ILE A 280 7.16 4.72 -6.60
C ILE A 280 7.68 4.83 -5.17
N VAL A 281 6.87 5.42 -4.27
CA VAL A 281 7.16 5.53 -2.84
C VAL A 281 6.53 4.34 -2.15
N VAL A 282 7.22 3.75 -1.18
CA VAL A 282 6.70 2.63 -0.40
C VAL A 282 6.98 2.93 1.07
N GLU A 283 6.23 2.25 1.92
CA GLU A 283 6.33 2.41 3.37
C GLU A 283 7.30 1.37 3.89
N TYR A 284 8.34 1.82 4.55
CA TYR A 284 9.43 0.97 4.91
C TYR A 284 10.03 1.50 6.19
N SER A 285 9.19 1.60 7.24
CA SER A 285 9.57 2.09 8.56
C SER A 285 10.11 0.97 9.44
N SER A 286 9.45 -0.18 9.43
CA SER A 286 9.80 -1.32 10.25
C SER A 286 10.73 -2.23 9.45
N SER A 287 10.87 -3.50 9.85
CA SER A 287 11.49 -4.50 8.99
C SER A 287 10.62 -4.90 7.78
N VAL A 288 9.43 -4.35 7.61
CA VAL A 288 8.50 -4.82 6.59
C VAL A 288 8.22 -3.67 5.63
N MET A 289 8.26 -3.95 4.35
CA MET A 289 7.88 -2.96 3.35
C MET A 289 6.44 -3.19 2.90
N LEU A 290 5.70 -2.10 2.73
CA LEU A 290 4.31 -2.12 2.29
C LEU A 290 4.16 -1.36 0.97
N THR A 291 3.48 -1.96 0.01
CA THR A 291 3.21 -1.30 -1.27
C THR A 291 1.83 -1.71 -1.72
N SER A 292 1.55 -1.47 -3.00
CA SER A 292 0.25 -1.70 -3.58
C SER A 292 0.48 -2.19 -5.00
N GLY A 293 -0.56 -2.83 -5.57
CA GLY A 293 -0.44 -3.37 -6.92
C GLY A 293 -1.66 -4.18 -7.28
N HIS A 294 -1.43 -5.18 -8.12
CA HIS A 294 -2.49 -6.02 -8.67
C HIS A 294 -2.28 -7.43 -8.17
N LEU A 295 -3.39 -8.14 -8.02
CA LEU A 295 -3.40 -9.57 -7.71
C LEU A 295 -4.55 -10.23 -8.47
N LYS A 296 -4.23 -11.14 -9.40
CA LYS A 296 -5.24 -11.89 -10.13
C LYS A 296 -5.66 -13.11 -9.33
N CYS A 297 -6.96 -13.36 -9.28
CA CYS A 297 -7.50 -14.48 -8.52
C CYS A 297 -8.77 -14.98 -9.16
N ARG A 298 -9.08 -16.21 -8.79
CA ARG A 298 -10.36 -16.83 -9.05
C ARG A 298 -11.05 -16.99 -7.70
N LEU A 299 -12.29 -16.53 -7.60
CA LEU A 299 -13.06 -16.64 -6.37
C LEU A 299 -14.05 -17.76 -6.56
N LYS A 300 -13.94 -18.81 -5.72
CA LYS A 300 -14.79 -19.99 -5.78
C LYS A 300 -15.99 -19.77 -4.88
N MET A 301 -17.20 -20.09 -5.38
CA MET A 301 -18.38 -19.77 -4.57
C MET A 301 -19.43 -20.87 -4.49
N ASP A 302 -19.09 -22.11 -4.87
CA ASP A 302 -19.99 -23.25 -4.75
C ASP A 302 -20.34 -23.59 -3.31
N LYS A 303 -19.51 -23.19 -2.36
CA LYS A 303 -19.77 -23.43 -0.95
C LYS A 303 -20.30 -22.19 -0.29
N LEU A 304 -20.47 -21.12 -1.05
CA LEU A 304 -21.07 -19.90 -0.55
C LEU A 304 -22.59 -20.07 -0.61
N ALA A 305 -23.25 -19.88 0.52
CA ALA A 305 -24.68 -20.12 0.65
C ALA A 305 -25.36 -18.84 1.08
N LEU A 306 -26.66 -18.75 0.79
CA LEU A 306 -27.46 -17.73 1.44
C LEU A 306 -27.66 -18.11 2.90
N LYS A 307 -27.85 -17.10 3.74
CA LYS A 307 -28.18 -17.28 5.15
C LYS A 307 -29.58 -16.75 5.43
N GLY A 308 -30.30 -17.44 6.31
CA GLY A 308 -31.59 -16.96 6.77
C GLY A 308 -32.60 -16.76 5.67
N THR A 309 -32.47 -17.51 4.58
CA THR A 309 -33.51 -17.56 3.56
C THR A 309 -34.79 -18.19 4.10
N THR A 310 -34.78 -18.58 5.38
CA THR A 310 -35.92 -19.24 6.01
C THR A 310 -36.48 -18.48 7.21
N TYR A 311 -35.86 -17.36 7.61
CA TYR A 311 -36.51 -16.47 8.59
C TYR A 311 -37.88 -16.06 8.08
N GLY A 312 -38.75 -15.69 9.02
CA GLY A 312 -39.98 -15.04 8.64
C GLY A 312 -39.76 -13.61 8.17
N MET A 313 -40.70 -13.13 7.36
CA MET A 313 -40.78 -11.71 7.05
C MET A 313 -41.04 -10.91 8.31
N CYS A 314 -40.34 -9.79 8.44
CA CYS A 314 -40.75 -8.79 9.41
C CYS A 314 -42.22 -8.42 9.18
N THR A 315 -42.97 -8.27 10.27
CA THR A 315 -44.39 -7.90 10.23
C THR A 315 -44.70 -6.46 10.64
N GLU A 316 -43.81 -5.80 11.39
CA GLU A 316 -44.08 -4.47 11.92
C GLU A 316 -43.65 -3.35 10.96
N LYS A 317 -43.84 -2.11 11.39
CA LYS A 317 -43.63 -0.97 10.50
C LYS A 317 -42.17 -0.53 10.46
N PHE A 318 -41.71 -0.11 9.29
CA PHE A 318 -40.39 0.51 9.17
C PHE A 318 -40.49 2.02 9.02
N SER A 319 -39.33 2.66 9.10
CA SER A 319 -39.19 4.06 8.78
C SER A 319 -37.79 4.26 8.21
N PHE A 320 -37.61 5.38 7.49
CA PHE A 320 -36.31 5.74 6.93
C PHE A 320 -35.49 6.45 7.99
N ALA A 321 -34.52 5.74 8.55
CA ALA A 321 -33.52 6.41 9.39
C ALA A 321 -32.68 7.39 8.57
N LYS A 322 -32.29 7.02 7.35
CA LYS A 322 -31.66 7.94 6.43
C LYS A 322 -32.36 7.83 5.10
N ASN A 323 -32.79 8.98 4.57
CA ASN A 323 -33.45 9.03 3.26
C ASN A 323 -32.45 8.68 2.14
N PRO A 324 -32.94 8.21 1.01
CA PRO A 324 -32.02 7.66 0.01
C PRO A 324 -31.06 8.71 -0.52
N VAL A 325 -29.81 8.29 -0.78
CA VAL A 325 -28.79 9.16 -1.39
C VAL A 325 -28.02 8.34 -2.41
N ASP A 326 -27.61 9.03 -3.46
CA ASP A 326 -26.80 8.45 -4.51
C ASP A 326 -25.41 8.17 -3.96
N THR A 327 -24.92 6.93 -4.10
CA THR A 327 -23.56 6.60 -3.64
C THR A 327 -22.43 7.11 -4.54
N GLY A 328 -22.72 7.72 -5.68
CA GLY A 328 -21.70 8.03 -6.65
C GLY A 328 -21.26 6.84 -7.49
N HIS A 329 -21.87 5.66 -7.30
CA HIS A 329 -21.51 4.48 -8.07
C HIS A 329 -22.70 3.94 -8.85
N GLY A 330 -23.70 4.77 -9.11
CA GLY A 330 -24.85 4.27 -9.80
C GLY A 330 -25.84 3.54 -8.94
N THR A 331 -25.62 3.51 -7.63
CA THR A 331 -26.53 2.88 -6.69
C THR A 331 -27.01 3.91 -5.68
N VAL A 332 -28.00 3.52 -4.91
CA VAL A 332 -28.67 4.39 -3.94
C VAL A 332 -28.63 3.64 -2.62
N VAL A 333 -28.41 4.35 -1.51
CA VAL A 333 -28.38 3.68 -0.22
C VAL A 333 -29.36 4.37 0.73
N ILE A 334 -30.04 3.57 1.55
CA ILE A 334 -30.94 4.02 2.60
C ILE A 334 -30.49 3.34 3.87
N GLU A 335 -31.00 3.85 4.97
CA GLU A 335 -30.90 3.15 6.24
C GLU A 335 -32.31 3.09 6.79
N LEU A 336 -32.75 1.89 7.16
CA LEU A 336 -34.09 1.74 7.71
C LEU A 336 -34.02 1.58 9.23
N SER A 337 -35.07 2.06 9.87
CA SER A 337 -35.31 1.80 11.27
C SER A 337 -36.49 0.85 11.35
N TYR A 338 -36.40 -0.18 12.19
CA TYR A 338 -37.48 -1.16 12.29
C TYR A 338 -38.08 -1.11 13.69
N SER A 339 -39.37 -0.82 13.78
CA SER A 339 -40.02 -0.70 15.08
C SER A 339 -40.26 -2.02 15.78
N GLY A 340 -40.13 -3.15 15.09
CA GLY A 340 -40.55 -4.43 15.65
C GLY A 340 -39.51 -5.06 16.56
N SER A 341 -39.91 -6.20 17.12
CA SER A 341 -39.06 -7.00 17.99
C SER A 341 -39.18 -8.48 17.70
N ASP A 342 -39.76 -8.87 16.55
CA ASP A 342 -39.72 -10.24 16.06
C ASP A 342 -38.43 -10.54 15.30
N GLY A 343 -37.47 -9.62 15.33
CA GLY A 343 -36.18 -9.85 14.72
C GLY A 343 -35.33 -10.90 15.42
N PRO A 344 -34.45 -11.54 14.66
CA PRO A 344 -34.20 -11.34 13.23
C PRO A 344 -35.35 -11.75 12.28
N CYS A 345 -35.44 -11.10 11.12
CA CYS A 345 -36.53 -11.28 10.16
C CYS A 345 -36.20 -10.56 8.86
N LYS A 346 -36.81 -11.03 7.77
CA LYS A 346 -36.52 -10.49 6.44
C LYS A 346 -37.25 -9.18 6.21
N ILE A 347 -36.53 -8.23 5.61
CA ILE A 347 -37.15 -6.95 5.29
C ILE A 347 -37.86 -7.10 3.94
N PRO A 348 -39.16 -6.86 3.89
CA PRO A 348 -39.82 -6.65 2.58
C PRO A 348 -39.42 -5.28 2.01
N ILE A 349 -38.71 -5.30 0.87
CA ILE A 349 -38.36 -4.05 0.21
C ILE A 349 -38.26 -4.31 -1.28
N VAL A 350 -38.83 -3.38 -2.07
CA VAL A 350 -38.79 -3.44 -3.52
C VAL A 350 -38.76 -2.02 -4.04
N SER A 351 -38.27 -1.89 -5.27
CA SER A 351 -38.47 -0.73 -6.13
C SER A 351 -39.62 -1.06 -7.05
N VAL A 352 -40.55 -0.11 -7.19
CA VAL A 352 -41.66 -0.24 -8.12
C VAL A 352 -41.73 1.09 -8.87
N ALA A 353 -42.32 1.03 -10.07
CA ALA A 353 -42.31 2.21 -10.94
C ALA A 353 -43.34 3.24 -10.50
N SER A 354 -44.44 2.79 -9.91
CA SER A 354 -45.39 3.68 -9.26
C SER A 354 -46.16 2.83 -8.26
N LEU A 355 -46.90 3.50 -7.38
CA LEU A 355 -47.69 2.76 -6.41
C LEU A 355 -48.87 2.04 -7.06
N ASN A 356 -49.31 2.49 -8.23
CA ASN A 356 -50.30 1.71 -8.99
C ASN A 356 -49.71 0.38 -9.44
N ASP A 357 -48.44 0.38 -9.84
CA ASP A 357 -47.79 -0.72 -10.52
C ASP A 357 -46.76 -1.33 -9.56
N MET A 358 -47.21 -2.27 -8.73
CA MET A 358 -46.32 -2.80 -7.70
C MET A 358 -45.37 -3.87 -8.25
N THR A 359 -45.08 -3.80 -9.55
CA THR A 359 -44.15 -4.77 -10.16
C THR A 359 -42.70 -4.43 -9.81
N PRO A 360 -41.95 -5.35 -9.21
CA PRO A 360 -40.54 -5.08 -8.87
C PRO A 360 -39.73 -4.64 -10.08
N VAL A 361 -39.06 -3.50 -9.94
CA VAL A 361 -38.08 -3.01 -10.90
C VAL A 361 -36.77 -2.81 -10.16
N GLY A 362 -35.68 -2.73 -10.92
CA GLY A 362 -34.39 -2.61 -10.26
C GLY A 362 -34.01 -3.85 -9.44
N ARG A 363 -33.08 -3.67 -8.53
CA ARG A 363 -32.65 -4.80 -7.75
C ARG A 363 -31.87 -4.31 -6.54
N LEU A 364 -31.76 -5.20 -5.56
CA LEU A 364 -30.96 -4.99 -4.36
C LEU A 364 -29.49 -5.33 -4.63
N VAL A 365 -28.59 -4.55 -4.05
CA VAL A 365 -27.19 -4.96 -3.86
C VAL A 365 -27.02 -5.69 -2.52
N THR A 366 -27.65 -5.16 -1.48
CA THR A 366 -27.77 -5.85 -0.18
C THR A 366 -28.89 -6.87 -0.34
N VAL A 367 -28.57 -7.98 -0.99
CA VAL A 367 -29.62 -8.94 -1.30
C VAL A 367 -30.02 -9.67 -0.03
N ASN A 368 -31.32 -9.98 0.08
CA ASN A 368 -31.92 -10.57 1.27
C ASN A 368 -31.64 -9.78 2.55
N PRO A 369 -31.95 -8.50 2.56
CA PRO A 369 -31.73 -7.69 3.76
C PRO A 369 -32.53 -8.19 4.95
N PHE A 370 -31.94 -8.06 6.14
CA PHE A 370 -32.61 -8.62 7.29
C PHE A 370 -32.25 -7.81 8.52
N VAL A 371 -33.26 -7.63 9.38
CA VAL A 371 -33.07 -7.16 10.75
C VAL A 371 -32.42 -8.31 11.50
N ALA A 372 -31.39 -8.04 12.28
CA ALA A 372 -30.64 -9.14 12.86
C ALA A 372 -30.78 -9.22 14.38
N THR A 373 -31.74 -8.51 14.94
CA THR A 373 -31.83 -8.47 16.39
C THR A 373 -33.28 -8.32 16.77
N SER A 374 -33.60 -8.75 17.99
CA SER A 374 -34.91 -8.54 18.60
C SER A 374 -35.04 -7.17 19.24
N SER A 375 -33.99 -6.35 19.24
CA SER A 375 -34.09 -5.00 19.77
C SER A 375 -34.94 -4.13 18.85
N ALA A 376 -35.87 -3.38 19.43
CA ALA A 376 -36.72 -2.47 18.66
C ALA A 376 -35.94 -1.22 18.23
N ASN A 377 -36.35 -0.67 17.08
CA ASN A 377 -35.74 0.53 16.50
C ASN A 377 -34.31 0.29 16.06
N SER A 378 -33.98 -0.94 15.68
CA SER A 378 -32.67 -1.20 15.14
C SER A 378 -32.62 -0.68 13.71
N LYS A 379 -31.40 -0.58 13.17
CA LYS A 379 -31.14 -0.02 11.87
C LYS A 379 -30.60 -1.08 10.93
N VAL A 380 -30.97 -0.94 9.66
CA VAL A 380 -30.44 -1.78 8.60
C VAL A 380 -30.17 -0.90 7.40
N LEU A 381 -28.93 -0.95 6.93
CA LEU A 381 -28.52 -0.30 5.71
C LEU A 381 -28.88 -1.17 4.53
N VAL A 382 -29.39 -0.56 3.48
CA VAL A 382 -29.77 -1.31 2.30
C VAL A 382 -29.28 -0.51 1.11
N GLU A 383 -28.44 -1.14 0.27
CA GLU A 383 -27.94 -0.52 -0.95
C GLU A 383 -28.71 -1.13 -2.11
N MET A 384 -29.05 -0.33 -3.11
CA MET A 384 -29.88 -0.85 -4.17
C MET A 384 -29.61 -0.09 -5.47
N GLU A 385 -30.11 -0.66 -6.56
CA GLU A 385 -29.96 -0.09 -7.89
C GLU A 385 -31.35 0.12 -8.45
N PRO A 386 -31.94 1.30 -8.22
CA PRO A 386 -33.23 1.60 -8.82
C PRO A 386 -33.09 1.72 -10.32
N PRO A 387 -34.20 1.64 -11.05
CA PRO A 387 -34.17 1.92 -12.49
C PRO A 387 -34.02 3.40 -12.79
N PHE A 388 -33.79 3.69 -14.07
CA PHE A 388 -33.78 5.08 -14.50
C PHE A 388 -35.19 5.67 -14.41
N GLY A 389 -35.23 6.96 -14.10
CA GLY A 389 -36.50 7.68 -14.04
C GLY A 389 -37.13 7.68 -12.67
N ASP A 390 -38.46 7.79 -12.65
CA ASP A 390 -39.17 7.75 -11.39
C ASP A 390 -39.38 6.30 -10.97
N SER A 391 -39.16 6.05 -9.68
CA SER A 391 -39.55 4.82 -9.02
C SER A 391 -39.80 5.18 -7.56
N TYR A 392 -40.25 4.18 -6.80
CA TYR A 392 -40.44 4.34 -5.37
C TYR A 392 -39.80 3.16 -4.68
N ILE A 393 -39.08 3.43 -3.60
CA ILE A 393 -38.60 2.39 -2.68
C ILE A 393 -39.76 2.09 -1.73
N VAL A 394 -40.17 0.83 -1.66
CA VAL A 394 -41.35 0.46 -0.92
C VAL A 394 -40.93 -0.55 0.14
N VAL A 395 -41.17 -0.22 1.39
CA VAL A 395 -40.69 -1.04 2.50
C VAL A 395 -41.89 -1.48 3.35
N GLY A 396 -41.84 -2.75 3.77
CA GLY A 396 -42.93 -3.35 4.50
C GLY A 396 -44.10 -3.71 3.59
N ARG A 397 -45.09 -4.34 4.22
CA ARG A 397 -46.20 -4.99 3.55
C ARG A 397 -47.51 -4.41 4.10
N GLY A 398 -48.53 -4.38 3.24
CA GLY A 398 -49.84 -3.98 3.70
C GLY A 398 -49.92 -2.49 3.99
N ASP A 399 -50.59 -2.16 5.11
CA ASP A 399 -50.70 -0.79 5.55
C ASP A 399 -49.62 -0.38 6.54
N LYS A 400 -48.77 -1.34 6.96
CA LYS A 400 -47.51 -0.95 7.58
C LYS A 400 -46.57 -0.30 6.56
N GLN A 401 -46.84 -0.47 5.27
CA GLN A 401 -45.89 -0.16 4.23
C GLN A 401 -45.67 1.34 4.08
N ILE A 402 -44.39 1.70 3.86
CA ILE A 402 -43.90 3.05 3.61
C ILE A 402 -43.19 3.02 2.26
N ASN A 403 -43.06 4.20 1.67
CA ASN A 403 -42.35 4.38 0.40
C ASN A 403 -41.61 5.72 0.38
N HIS A 404 -40.60 5.80 -0.46
CA HIS A 404 -39.90 7.07 -0.72
C HIS A 404 -39.68 7.18 -2.21
N HIS A 405 -40.06 8.32 -2.78
CA HIS A 405 -39.84 8.57 -4.19
C HIS A 405 -38.34 8.69 -4.51
N TRP A 406 -37.97 8.29 -5.71
CA TRP A 406 -36.61 8.49 -6.16
C TRP A 406 -36.62 8.73 -7.67
N HIS A 407 -35.73 9.60 -8.14
CA HIS A 407 -35.51 9.83 -9.57
C HIS A 407 -34.03 9.67 -9.89
N LYS A 408 -33.73 8.81 -10.88
CA LYS A 408 -32.37 8.60 -11.38
C LYS A 408 -32.26 9.19 -12.77
N ALA A 409 -31.35 10.13 -12.94
CA ALA A 409 -31.19 10.84 -14.21
C ALA A 409 -30.66 9.91 -15.31
N GLY A 410 -31.01 10.22 -16.55
CA GLY A 410 -30.70 9.34 -17.66
C GLY A 410 -31.89 8.44 -17.95
#